data_7HRR
#
_entry.id   7HRR
#
_cell.length_a   97.660
_cell.length_b   100.220
_cell.length_c   127.710
_cell.angle_alpha   90.00
_cell.angle_beta   90.00
_cell.angle_gamma   90.00
#
_symmetry.space_group_name_H-M   'I 2 2 2'
#
loop_
_entity.id
_entity.type
_entity.pdbx_description
1 polymer 'Oleoyl-acyl carrier protein thioesterase 1, chloroplastic'
2 non-polymer '2-azanyl-3-methyl-benzoic acid'
3 non-polymer 'SULFATE ION'
4 water water
#
_entity_poly.entity_id   1
_entity_poly.type   'polypeptide(L)'
_entity_poly.pdbx_seq_one_letter_code
;MGSLTEDGLSYKEKFVVRSYEVGSNKTATVETIANLLQEVGCNHAQSVGFSTDGFATTTTMRKLHLIWVTARMHIEIYKY
PAWGDVVEIETWCQSEGRIGTRRDWILKDSVTGEVTGRATSKWVMMNQDTRRLQKVSDDVRDEYLVFCPQEPRLAFPEEN
NRSLKKIPKLEDPAQYSMIGLKPRRADLDMNQHVNNVTYIGWVLESIPQEIVDTHELQVITLDYRRECQQDDVVDSLTTT
TSEIGGTNGSATSGTQGHNDSQFLHLLRLSGDGQEINRGTTLWRKKPSSHHHHHH
;
_entity_poly.pdbx_strand_id   A,B
#
loop_
_chem_comp.id
_chem_comp.type
_chem_comp.name
_chem_comp.formula
3M0 non-polymer '2-azanyl-3-methyl-benzoic acid' 'C8 H9 N O2'
SO4 non-polymer 'SULFATE ION' 'O4 S -2'
#
# COMPACT_ATOMS: atom_id res chain seq x y z
N GLY A 2 14.64 12.39 4.95
CA GLY A 2 15.89 12.05 4.29
C GLY A 2 16.70 13.26 3.86
N SER A 3 17.87 13.01 3.29
CA SER A 3 18.74 14.09 2.84
C SER A 3 19.80 13.57 1.87
N LEU A 4 20.35 14.48 1.05
CA LEU A 4 21.48 14.17 0.19
C LEU A 4 22.70 13.90 1.08
N THR A 5 23.67 13.11 0.60
CA THR A 5 24.89 12.86 1.38
C THR A 5 25.79 14.13 1.30
N GLU A 6 26.91 14.14 2.03
CA GLU A 6 27.80 15.30 2.05
C GLU A 6 28.27 15.72 0.65
N ASP A 7 28.58 14.75 -0.22
CA ASP A 7 29.04 15.06 -1.57
C ASP A 7 27.89 15.37 -2.58
N GLY A 8 26.63 15.22 -2.17
CA GLY A 8 25.49 15.50 -3.03
C GLY A 8 25.30 14.55 -4.19
N LEU A 9 25.97 13.38 -4.16
CA LEU A 9 25.87 12.40 -5.24
C LEU A 9 25.02 11.16 -4.93
N SER A 10 24.46 11.07 -3.71
CA SER A 10 23.53 10.03 -3.31
C SER A 10 22.53 10.60 -2.28
N TYR A 11 21.43 9.88 -2.03
CA TYR A 11 20.39 10.33 -1.11
C TYR A 11 20.08 9.21 -0.12
N LYS A 12 19.93 9.57 1.15
CA LYS A 12 19.66 8.58 2.20
C LYS A 12 18.35 8.90 2.90
N GLU A 13 17.64 7.85 3.34
CA GLU A 13 16.39 8.03 4.08
C GLU A 13 16.07 6.82 5.00
N LYS A 14 15.59 7.09 6.24
CA LYS A 14 15.16 6.04 7.17
C LYS A 14 13.63 5.88 7.10
N PHE A 15 13.14 4.65 7.24
CA PHE A 15 11.71 4.34 7.23
C PHE A 15 11.40 3.39 8.41
N VAL A 16 10.28 3.58 9.12
CA VAL A 16 9.89 2.62 10.17
C VAL A 16 8.85 1.68 9.56
N VAL A 17 9.11 0.37 9.50
CA VAL A 17 8.19 -0.61 8.93
C VAL A 17 6.82 -0.61 9.62
N ARG A 18 5.76 -0.37 8.85
CA ARG A 18 4.38 -0.26 9.34
C ARG A 18 3.63 -1.57 9.45
N SER A 19 2.58 -1.60 10.28
CA SER A 19 1.76 -2.81 10.52
C SER A 19 1.16 -3.34 9.23
N TYR A 20 0.67 -2.45 8.35
CA TYR A 20 0.07 -2.91 7.09
C TYR A 20 1.10 -3.24 5.99
N GLU A 21 2.37 -2.96 6.24
CA GLU A 21 3.44 -3.21 5.29
C GLU A 21 4.04 -4.62 5.42
N VAL A 22 3.65 -5.41 6.44
CA VAL A 22 4.23 -6.73 6.67
C VAL A 22 3.31 -7.87 6.24
N GLY A 23 3.90 -9.05 6.02
CA GLY A 23 3.20 -10.27 5.65
C GLY A 23 3.01 -11.18 6.85
N SER A 24 2.83 -12.49 6.60
N SER A 24 2.81 -12.49 6.61
N SER A 24 2.83 -12.49 6.60
CA SER A 24 2.61 -13.51 7.62
CA SER A 24 2.59 -13.49 7.66
CA SER A 24 2.61 -13.51 7.62
C SER A 24 3.78 -13.66 8.59
C SER A 24 3.78 -13.68 8.59
C SER A 24 3.78 -13.66 8.59
N ASN A 25 5.00 -13.42 8.10
CA ASN A 25 6.22 -13.52 8.93
C ASN A 25 6.44 -12.29 9.83
N LYS A 26 5.53 -11.28 9.79
CA LYS A 26 5.68 -10.01 10.51
C LYS A 26 6.93 -9.23 10.07
N THR A 27 7.35 -9.44 8.83
CA THR A 27 8.45 -8.71 8.18
C THR A 27 7.91 -8.07 6.90
N ALA A 28 8.58 -7.02 6.43
CA ALA A 28 8.17 -6.29 5.22
C ALA A 28 8.08 -7.18 3.98
N THR A 29 7.02 -6.99 3.20
CA THR A 29 6.85 -7.72 1.95
C THR A 29 7.84 -7.11 0.94
N VAL A 30 8.16 -7.86 -0.14
CA VAL A 30 9.03 -7.33 -1.18
C VAL A 30 8.35 -6.14 -1.90
N GLU A 31 7.00 -6.09 -1.90
CA GLU A 31 6.27 -4.97 -2.49
C GLU A 31 6.45 -3.74 -1.64
N THR A 32 6.46 -3.89 -0.29
CA THR A 32 6.74 -2.75 0.61
C THR A 32 8.13 -2.22 0.33
N ILE A 33 9.13 -3.13 0.19
CA ILE A 33 10.50 -2.74 -0.12
C ILE A 33 10.57 -1.93 -1.42
N ALA A 34 9.93 -2.44 -2.50
CA ALA A 34 9.87 -1.78 -3.81
C ALA A 34 9.19 -0.41 -3.75
N ASN A 35 8.18 -0.26 -2.86
CA ASN A 35 7.51 1.04 -2.66
C ASN A 35 8.47 2.01 -1.99
N LEU A 36 9.24 1.53 -1.00
CA LEU A 36 10.22 2.37 -0.30
C LEU A 36 11.38 2.75 -1.24
N LEU A 37 11.77 1.86 -2.18
CA LEU A 37 12.82 2.19 -3.16
C LEU A 37 12.36 3.32 -4.08
N GLN A 38 11.08 3.25 -4.49
CA GLN A 38 10.48 4.28 -5.32
C GLN A 38 10.43 5.61 -4.56
N GLU A 39 10.03 5.58 -3.27
CA GLU A 39 9.91 6.79 -2.48
C GLU A 39 11.25 7.48 -2.29
N VAL A 40 12.30 6.72 -1.96
CA VAL A 40 13.63 7.34 -1.76
C VAL A 40 14.18 7.85 -3.13
N GLY A 41 13.86 7.16 -4.23
CA GLY A 41 14.25 7.59 -5.57
C GLY A 41 13.56 8.89 -5.95
N CYS A 42 12.29 9.03 -5.59
N CYS A 42 12.29 9.03 -5.59
N CYS A 42 12.29 9.03 -5.59
CA CYS A 42 11.50 10.24 -5.84
CA CYS A 42 11.49 10.23 -5.85
CA CYS A 42 11.50 10.24 -5.84
C CYS A 42 12.00 11.40 -5.00
C CYS A 42 11.99 11.40 -4.99
C CYS A 42 12.00 11.40 -5.00
N ASN A 43 12.36 11.14 -3.75
CA ASN A 43 12.87 12.19 -2.84
C ASN A 43 14.27 12.65 -3.28
N HIS A 44 15.08 11.73 -3.83
CA HIS A 44 16.39 12.06 -4.38
C HIS A 44 16.19 13.03 -5.56
N ALA A 45 15.23 12.76 -6.44
CA ALA A 45 14.92 13.63 -7.57
C ALA A 45 14.44 15.01 -7.13
N GLN A 46 13.61 15.10 -6.08
CA GLN A 46 13.14 16.40 -5.60
C GLN A 46 14.30 17.19 -5.01
N SER A 47 15.21 16.52 -4.28
N SER A 47 15.21 16.52 -4.28
N SER A 47 15.21 16.52 -4.28
CA SER A 47 16.36 17.16 -3.64
CA SER A 47 16.34 17.18 -3.64
CA SER A 47 16.36 17.16 -3.64
C SER A 47 17.34 17.80 -4.62
C SER A 47 17.32 17.83 -4.64
C SER A 47 17.34 17.80 -4.62
N VAL A 48 17.36 17.32 -5.87
CA VAL A 48 18.25 17.88 -6.91
C VAL A 48 17.51 18.81 -7.91
N GLY A 49 16.26 19.15 -7.62
CA GLY A 49 15.49 20.09 -8.43
C GLY A 49 14.66 19.52 -9.56
N PHE A 50 14.48 18.19 -9.64
CA PHE A 50 13.72 17.58 -10.73
C PHE A 50 12.19 17.57 -10.50
N SER A 51 11.43 17.02 -11.47
CA SER A 51 9.97 16.93 -11.45
C SER A 51 9.50 16.01 -10.32
N ALA A 56 11.66 13.61 -12.08
CA ALA A 56 12.00 12.68 -13.16
C ALA A 56 12.53 13.39 -14.42
N THR A 57 11.81 14.40 -14.94
CA THR A 57 12.22 15.04 -16.19
C THR A 57 13.12 16.25 -16.03
N THR A 58 14.04 16.40 -16.99
CA THR A 58 14.91 17.58 -17.07
C THR A 58 14.26 18.61 -18.02
N THR A 59 14.82 19.85 -18.11
CA THR A 59 14.29 20.91 -18.96
C THR A 59 14.25 20.51 -20.43
N THR A 60 15.32 19.90 -20.96
CA THR A 60 15.35 19.51 -22.36
C THR A 60 14.42 18.33 -22.64
N MET A 61 14.24 17.42 -21.67
N MET A 61 14.23 17.41 -21.67
N MET A 61 14.24 17.42 -21.67
CA MET A 61 13.33 16.29 -21.86
CA MET A 61 13.32 16.29 -21.86
CA MET A 61 13.33 16.29 -21.86
C MET A 61 11.89 16.77 -21.99
C MET A 61 11.89 16.80 -22.00
C MET A 61 11.89 16.77 -21.99
N ARG A 62 11.48 17.74 -21.16
CA ARG A 62 10.13 18.29 -21.22
C ARG A 62 9.87 19.10 -22.52
N LYS A 63 10.90 19.72 -23.12
CA LYS A 63 10.79 20.43 -24.41
C LYS A 63 10.63 19.42 -25.56
N LEU A 64 11.29 18.25 -25.45
CA LEU A 64 11.23 17.23 -26.48
C LEU A 64 10.15 16.17 -26.26
N HIS A 65 9.29 16.32 -25.23
CA HIS A 65 8.22 15.39 -24.86
C HIS A 65 8.80 14.01 -24.52
N LEU A 66 9.88 13.98 -23.75
CA LEU A 66 10.57 12.76 -23.34
C LEU A 66 10.36 12.46 -21.88
N ILE A 67 10.18 11.18 -21.56
CA ILE A 67 10.01 10.75 -20.17
C ILE A 67 10.96 9.58 -19.88
N TRP A 68 11.24 9.32 -18.59
CA TRP A 68 11.99 8.14 -18.18
C TRP A 68 10.97 7.02 -17.93
N VAL A 69 11.31 5.76 -18.28
CA VAL A 69 10.51 4.54 -18.13
C VAL A 69 11.40 3.38 -17.66
N THR A 70 10.90 2.53 -16.73
CA THR A 70 11.68 1.39 -16.23
C THR A 70 11.72 0.29 -17.25
N ALA A 71 12.91 -0.23 -17.53
CA ALA A 71 13.10 -1.36 -18.43
C ALA A 71 13.31 -2.63 -17.64
N ARG A 72 13.99 -2.55 -16.50
CA ARG A 72 14.33 -3.72 -15.71
C ARG A 72 14.49 -3.37 -14.25
N MET A 73 14.17 -4.30 -13.37
CA MET A 73 14.33 -4.12 -11.93
C MET A 73 14.91 -5.41 -11.37
N HIS A 74 15.92 -5.32 -10.48
CA HIS A 74 16.52 -6.51 -9.88
C HIS A 74 16.69 -6.22 -8.40
N ILE A 75 16.05 -7.01 -7.53
CA ILE A 75 16.10 -6.82 -6.08
C ILE A 75 16.60 -8.08 -5.39
N GLU A 76 17.57 -7.92 -4.50
CA GLU A 76 18.06 -9.04 -3.71
C GLU A 76 17.93 -8.66 -2.23
N ILE A 77 17.27 -9.50 -1.44
CA ILE A 77 17.05 -9.28 -0.01
C ILE A 77 17.69 -10.39 0.80
N TYR A 78 18.56 -10.03 1.74
CA TYR A 78 19.24 -10.94 2.67
C TYR A 78 18.41 -11.10 3.93
N LYS A 79 17.82 -10.02 4.44
CA LYS A 79 16.98 -10.06 5.63
C LYS A 79 15.87 -9.03 5.43
N TYR A 80 14.61 -9.44 5.58
CA TYR A 80 13.49 -8.49 5.44
C TYR A 80 13.32 -7.80 6.80
N PRO A 81 13.21 -6.46 6.84
CA PRO A 81 13.07 -5.80 8.14
C PRO A 81 11.74 -6.16 8.81
N ALA A 82 11.76 -6.32 10.10
CA ALA A 82 10.58 -6.66 10.88
C ALA A 82 9.69 -5.43 11.11
N TRP A 83 8.42 -5.66 11.49
CA TRP A 83 7.44 -4.64 11.84
C TRP A 83 8.01 -3.80 13.00
N GLY A 84 8.20 -2.52 12.76
CA GLY A 84 8.75 -1.62 13.76
C GLY A 84 10.24 -1.34 13.61
N ASP A 85 10.96 -2.16 12.82
CA ASP A 85 12.39 -1.96 12.60
C ASP A 85 12.61 -0.70 11.76
N VAL A 86 13.77 -0.05 11.93
CA VAL A 86 14.11 1.10 11.11
C VAL A 86 15.01 0.65 9.96
N VAL A 87 14.66 0.96 8.71
CA VAL A 87 15.49 0.58 7.58
C VAL A 87 16.05 1.84 6.91
N GLU A 88 17.38 1.89 6.65
CA GLU A 88 17.97 3.05 5.98
C GLU A 88 18.28 2.68 4.55
N ILE A 89 17.79 3.47 3.59
CA ILE A 89 18.05 3.21 2.18
C ILE A 89 18.87 4.33 1.55
N GLU A 90 19.90 3.97 0.80
CA GLU A 90 20.72 4.94 0.11
C GLU A 90 20.56 4.68 -1.37
N THR A 91 20.37 5.75 -2.16
CA THR A 91 20.16 5.62 -3.60
C THR A 91 20.98 6.63 -4.38
N TRP A 92 21.36 6.25 -5.61
CA TRP A 92 22.15 7.07 -6.53
C TRP A 92 21.86 6.65 -7.98
N CYS A 93 22.25 7.46 -8.94
CA CYS A 93 22.09 7.15 -10.34
C CYS A 93 23.42 7.09 -11.02
N GLN A 94 23.49 6.34 -12.10
CA GLN A 94 24.68 6.26 -12.91
C GLN A 94 24.34 6.30 -14.41
N SER A 95 25.13 7.04 -15.17
CA SER A 95 24.93 7.16 -16.61
C SER A 95 25.31 5.87 -17.32
N GLU A 96 24.59 5.56 -18.38
CA GLU A 96 24.91 4.46 -19.27
C GLU A 96 25.05 4.99 -20.71
N GLY A 97 25.60 6.19 -20.86
CA GLY A 97 25.76 6.81 -22.17
C GLY A 97 24.44 6.99 -22.89
N ARG A 98 24.43 6.73 -24.19
CA ARG A 98 23.24 6.86 -25.00
C ARG A 98 22.15 5.82 -24.70
N ILE A 99 22.48 4.73 -24.01
CA ILE A 99 21.50 3.69 -23.69
C ILE A 99 20.43 4.20 -22.72
N GLY A 100 20.86 4.82 -21.63
CA GLY A 100 19.95 5.33 -20.62
C GLY A 100 20.65 5.56 -19.30
N THR A 101 19.95 5.36 -18.19
CA THR A 101 20.52 5.52 -16.84
C THR A 101 20.16 4.32 -15.95
N ARG A 102 20.94 4.12 -14.90
CA ARG A 102 20.73 3.07 -13.92
C ARG A 102 20.44 3.76 -12.56
N ARG A 103 19.54 3.22 -11.74
CA ARG A 103 19.35 3.71 -10.37
C ARG A 103 19.62 2.52 -9.47
N ASP A 104 20.53 2.67 -8.50
CA ASP A 104 20.86 1.61 -7.54
C ASP A 104 20.46 2.02 -6.11
N TRP A 105 20.27 1.02 -5.24
CA TRP A 105 19.92 1.22 -3.84
C TRP A 105 20.64 0.19 -2.99
N ILE A 106 20.94 0.56 -1.73
CA ILE A 106 21.51 -0.29 -0.67
C ILE A 106 20.58 -0.14 0.51
N LEU A 107 20.12 -1.26 1.09
CA LEU A 107 19.27 -1.27 2.28
C LEU A 107 20.11 -1.73 3.43
N LYS A 108 20.05 -1.02 4.55
CA LYS A 108 20.82 -1.38 5.73
C LYS A 108 19.95 -1.39 6.95
N ASP A 109 20.36 -2.21 7.96
CA ASP A 109 19.73 -2.24 9.28
C ASP A 109 20.23 -0.94 9.93
N SER A 110 19.33 -0.05 10.30
CA SER A 110 19.72 1.26 10.84
C SER A 110 20.48 1.18 12.16
N VAL A 111 20.31 0.10 12.92
CA VAL A 111 21.00 -0.06 14.19
C VAL A 111 22.43 -0.60 14.00
N THR A 112 22.58 -1.77 13.37
CA THR A 112 23.88 -2.44 13.18
C THR A 112 24.70 -2.00 11.96
N GLY A 113 24.07 -1.37 10.99
CA GLY A 113 24.74 -0.93 9.75
C GLY A 113 24.93 -2.01 8.69
N GLU A 114 24.52 -3.25 8.99
CA GLU A 114 24.69 -4.34 8.06
C GLU A 114 23.79 -4.23 6.85
N VAL A 115 24.31 -4.60 5.68
CA VAL A 115 23.56 -4.56 4.45
C VAL A 115 22.55 -5.71 4.44
N THR A 116 21.27 -5.37 4.43
CA THR A 116 20.19 -6.36 4.41
C THR A 116 19.57 -6.55 3.03
N GLY A 117 20.00 -5.76 2.04
CA GLY A 117 19.47 -5.85 0.70
C GLY A 117 20.11 -4.88 -0.26
N ARG A 118 19.90 -5.14 -1.57
CA ARG A 118 20.40 -4.29 -2.64
C ARG A 118 19.54 -4.40 -3.87
N ALA A 119 19.48 -3.31 -4.63
CA ALA A 119 18.64 -3.30 -5.82
C ALA A 119 19.24 -2.46 -6.93
N THR A 120 18.91 -2.79 -8.16
CA THR A 120 19.37 -2.06 -9.32
C THR A 120 18.25 -2.00 -10.35
N SER A 121 18.16 -0.90 -11.09
CA SER A 121 17.12 -0.72 -12.11
C SER A 121 17.66 -0.04 -13.33
N LYS A 122 17.09 -0.35 -14.50
CA LYS A 122 17.48 0.29 -15.76
C LYS A 122 16.34 1.15 -16.25
N TRP A 123 16.71 2.34 -16.72
CA TRP A 123 15.75 3.29 -17.22
C TRP A 123 16.10 3.75 -18.61
N VAL A 124 15.08 3.84 -19.47
CA VAL A 124 15.25 4.30 -20.83
C VAL A 124 14.34 5.48 -21.05
N MET A 125 14.73 6.29 -22.05
CA MET A 125 13.98 7.45 -22.46
C MET A 125 12.95 7.03 -23.49
N MET A 126 11.84 7.75 -23.53
CA MET A 126 10.75 7.43 -24.42
C MET A 126 9.99 8.71 -24.69
N ASN A 127 9.61 8.94 -25.95
CA ASN A 127 8.76 10.06 -26.33
C ASN A 127 7.37 9.70 -25.76
N GLN A 128 6.79 10.61 -24.95
CA GLN A 128 5.51 10.40 -24.27
C GLN A 128 4.34 10.24 -25.23
N ASP A 129 4.43 10.84 -26.42
CA ASP A 129 3.39 10.76 -27.42
C ASP A 129 3.47 9.51 -28.29
N THR A 130 4.60 9.29 -28.96
CA THR A 130 4.74 8.16 -29.89
C THR A 130 5.05 6.84 -29.23
N ARG A 131 5.47 6.87 -27.95
CA ARG A 131 5.87 5.69 -27.20
C ARG A 131 7.19 5.08 -27.70
N ARG A 132 7.88 5.73 -28.65
CA ARG A 132 9.11 5.20 -29.19
C ARG A 132 10.28 5.42 -28.26
N LEU A 133 11.01 4.35 -27.94
CA LEU A 133 12.20 4.48 -27.13
C LEU A 133 13.30 5.14 -27.97
N GLN A 134 14.16 5.94 -27.32
CA GLN A 134 15.23 6.60 -28.04
C GLN A 134 16.52 6.75 -27.25
N LYS A 135 17.63 6.94 -27.96
CA LYS A 135 18.93 7.13 -27.34
C LYS A 135 18.99 8.48 -26.63
N VAL A 136 19.77 8.57 -25.55
CA VAL A 136 19.93 9.79 -24.77
C VAL A 136 20.87 10.75 -25.47
N SER A 137 20.36 11.94 -25.81
CA SER A 137 21.17 12.94 -26.50
C SER A 137 22.21 13.58 -25.54
N ASP A 138 23.27 14.17 -26.10
CA ASP A 138 24.32 14.82 -25.32
C ASP A 138 23.75 15.98 -24.46
N ASP A 139 22.88 16.81 -25.05
CA ASP A 139 22.20 17.90 -24.35
C ASP A 139 21.46 17.42 -23.10
N VAL A 140 20.70 16.32 -23.21
CA VAL A 140 19.93 15.72 -22.11
C VAL A 140 20.86 15.10 -21.05
N ARG A 141 21.86 14.35 -21.51
CA ARG A 141 22.82 13.72 -20.62
C ARG A 141 23.54 14.77 -19.75
N ASP A 142 24.03 15.85 -20.36
CA ASP A 142 24.73 16.94 -19.67
C ASP A 142 23.91 17.60 -18.56
N GLU A 143 22.59 17.59 -18.70
CA GLU A 143 21.70 18.15 -17.69
C GLU A 143 21.61 17.36 -16.40
N TYR A 144 22.10 16.09 -16.36
CA TYR A 144 21.99 15.29 -15.14
C TYR A 144 23.29 14.60 -14.69
N LEU A 145 24.35 14.64 -15.52
CA LEU A 145 25.64 14.01 -15.18
C LEU A 145 26.23 14.58 -13.91
N VAL A 146 26.00 15.88 -13.63
CA VAL A 146 26.49 16.53 -12.41
C VAL A 146 25.92 15.90 -11.13
N PHE A 147 24.75 15.26 -11.23
CA PHE A 147 24.11 14.63 -10.06
C PHE A 147 24.50 13.16 -9.86
N CYS A 148 25.35 12.61 -10.75
CA CYS A 148 25.82 11.24 -10.69
C CYS A 148 27.22 11.16 -10.11
N PRO A 149 27.57 10.07 -9.39
CA PRO A 149 28.97 9.89 -8.99
C PRO A 149 29.84 9.73 -10.25
N GLN A 150 31.03 10.33 -10.25
CA GLN A 150 31.91 10.31 -11.40
C GLN A 150 32.53 8.96 -11.61
N GLU A 151 33.07 8.37 -10.54
CA GLU A 151 33.62 7.02 -10.62
C GLU A 151 32.44 6.06 -10.55
N PRO A 152 32.43 5.01 -11.35
CA PRO A 152 31.29 4.07 -11.31
C PRO A 152 31.09 3.45 -9.93
N ARG A 153 29.84 3.38 -9.52
CA ARG A 153 29.43 2.89 -8.22
C ARG A 153 28.28 1.92 -8.47
N LEU A 154 28.52 0.63 -8.20
CA LEU A 154 27.54 -0.44 -8.47
C LEU A 154 27.01 -1.08 -7.21
N ALA A 155 25.68 -1.28 -7.12
CA ALA A 155 25.09 -2.01 -6.01
C ALA A 155 25.46 -3.50 -6.12
N PHE A 156 25.60 -4.01 -7.36
CA PHE A 156 25.99 -5.38 -7.63
C PHE A 156 27.32 -5.33 -8.35
N PRO A 157 28.41 -5.23 -7.57
CA PRO A 157 29.73 -5.10 -8.20
C PRO A 157 30.29 -6.41 -8.78
N GLU A 158 29.43 -7.29 -9.31
CA GLU A 158 29.89 -8.50 -10.00
C GLU A 158 30.27 -8.11 -11.45
N GLU A 159 31.32 -8.73 -12.02
CA GLU A 159 31.69 -8.45 -13.43
C GLU A 159 30.68 -9.16 -14.35
N ASN A 160 30.29 -10.39 -13.99
CA ASN A 160 29.26 -11.16 -14.67
C ASN A 160 28.22 -11.51 -13.61
N ASN A 161 27.39 -10.49 -13.28
CA ASN A 161 26.33 -10.52 -12.27
C ASN A 161 25.13 -11.35 -12.70
N ARG A 162 24.33 -11.85 -11.73
CA ARG A 162 23.10 -12.57 -12.06
C ARG A 162 21.93 -11.61 -12.41
N SER A 163 22.07 -10.31 -12.07
CA SER A 163 21.10 -9.26 -12.35
C SER A 163 20.88 -9.15 -13.86
N LEU A 164 21.98 -9.21 -14.63
CA LEU A 164 22.01 -9.06 -16.09
C LEU A 164 22.18 -10.37 -16.84
N LYS A 165 21.09 -10.85 -17.45
CA LYS A 165 21.04 -12.08 -18.24
C LYS A 165 19.70 -12.09 -19.00
N LYS A 166 19.70 -12.55 -20.24
CA LYS A 166 18.49 -12.60 -21.08
C LYS A 166 17.41 -13.55 -20.53
N ILE A 167 16.30 -12.99 -20.00
CA ILE A 167 15.18 -13.80 -19.48
C ILE A 167 14.40 -14.41 -20.65
N PRO A 168 14.26 -15.74 -20.69
CA PRO A 168 13.49 -16.36 -21.80
C PRO A 168 11.99 -16.16 -21.64
N LYS A 169 11.23 -16.36 -22.72
CA LYS A 169 9.77 -16.24 -22.66
C LYS A 169 9.17 -17.56 -22.22
N LEU A 170 8.28 -17.53 -21.21
CA LEU A 170 7.62 -18.73 -20.69
C LEU A 170 6.82 -19.41 -21.79
N GLU A 171 7.05 -20.73 -21.98
CA GLU A 171 6.38 -21.54 -22.99
C GLU A 171 5.09 -22.11 -22.42
N ASP A 172 4.00 -22.08 -23.20
CA ASP A 172 2.73 -22.65 -22.75
C ASP A 172 2.76 -24.16 -22.94
N PRO A 173 2.17 -24.94 -22.01
CA PRO A 173 1.44 -24.52 -20.81
C PRO A 173 2.29 -24.18 -19.58
N ALA A 174 1.87 -23.14 -18.83
CA ALA A 174 2.52 -22.76 -17.59
C ALA A 174 2.22 -23.81 -16.51
N GLN A 175 3.11 -23.96 -15.52
CA GLN A 175 2.87 -24.93 -14.45
C GLN A 175 1.81 -24.41 -13.48
N TYR A 176 1.82 -23.11 -13.21
CA TYR A 176 0.91 -22.41 -12.30
C TYR A 176 0.38 -21.11 -12.94
N SER A 177 -0.81 -20.66 -12.55
CA SER A 177 -1.38 -19.45 -13.10
C SER A 177 -2.36 -18.77 -12.17
N MET A 178 -2.46 -17.45 -12.29
CA MET A 178 -3.48 -16.65 -11.62
C MET A 178 -4.07 -15.80 -12.74
N ILE A 179 -5.35 -15.97 -13.05
CA ILE A 179 -5.97 -15.30 -14.21
C ILE A 179 -6.96 -14.22 -13.79
N GLY A 180 -7.14 -13.25 -14.66
CA GLY A 180 -8.13 -12.18 -14.47
C GLY A 180 -7.76 -11.10 -13.47
N LEU A 181 -6.47 -10.84 -13.27
CA LEU A 181 -6.01 -9.80 -12.36
C LEU A 181 -6.29 -8.41 -12.96
N LYS A 182 -6.87 -7.51 -12.17
CA LYS A 182 -7.21 -6.17 -12.65
C LYS A 182 -6.73 -5.15 -11.63
N PRO A 183 -6.19 -4.01 -12.06
CA PRO A 183 -5.78 -2.99 -11.08
C PRO A 183 -6.99 -2.22 -10.56
N ARG A 184 -6.94 -1.83 -9.29
CA ARG A 184 -7.99 -0.98 -8.72
C ARG A 184 -7.38 0.41 -8.51
N ARG A 185 -8.15 1.40 -8.06
CA ARG A 185 -7.60 2.76 -7.91
C ARG A 185 -6.38 2.82 -6.99
N ALA A 186 -6.28 1.98 -5.95
CA ALA A 186 -5.09 1.97 -5.09
C ALA A 186 -3.81 1.51 -5.82
N ASP A 187 -3.95 0.86 -6.98
CA ASP A 187 -2.79 0.40 -7.75
C ASP A 187 -2.22 1.48 -8.69
N LEU A 188 -2.89 2.64 -8.79
CA LEU A 188 -2.45 3.70 -9.69
C LEU A 188 -1.60 4.74 -8.98
N ASP A 189 -0.69 5.35 -9.74
CA ASP A 189 0.13 6.45 -9.23
C ASP A 189 -0.62 7.80 -9.46
N MET A 190 0.00 8.93 -9.10
CA MET A 190 -0.63 10.24 -9.25
C MET A 190 -0.95 10.62 -10.70
N ASN A 191 -0.28 9.98 -11.68
CA ASN A 191 -0.58 10.23 -13.09
C ASN A 191 -1.65 9.28 -13.66
N GLN A 192 -2.24 8.41 -12.81
CA GLN A 192 -3.24 7.38 -13.12
C GLN A 192 -2.67 6.27 -13.98
N HIS A 193 -1.36 6.04 -13.91
CA HIS A 193 -0.72 4.91 -14.56
C HIS A 193 -0.59 3.85 -13.48
N VAL A 194 -0.56 2.57 -13.87
CA VAL A 194 -0.38 1.48 -12.90
C VAL A 194 1.02 1.58 -12.28
N ASN A 195 1.09 1.56 -10.96
CA ASN A 195 2.35 1.65 -10.24
C ASN A 195 3.24 0.45 -10.57
N ASN A 196 4.53 0.70 -10.85
CA ASN A 196 5.47 -0.40 -11.20
C ASN A 196 5.51 -1.54 -10.17
N VAL A 197 5.19 -1.23 -8.92
CA VAL A 197 5.22 -2.24 -7.86
C VAL A 197 4.09 -3.27 -7.97
N THR A 198 2.94 -2.86 -8.54
CA THR A 198 1.79 -3.74 -8.77
C THR A 198 2.19 -4.96 -9.59
N TYR A 199 3.06 -4.76 -10.60
CA TYR A 199 3.54 -5.87 -11.46
C TYR A 199 4.29 -6.92 -10.65
N ILE A 200 5.00 -6.50 -9.59
CA ILE A 200 5.69 -7.45 -8.73
C ILE A 200 4.65 -8.28 -7.97
N GLY A 201 3.60 -7.62 -7.48
CA GLY A 201 2.53 -8.32 -6.79
C GLY A 201 1.80 -9.31 -7.68
N TRP A 202 1.60 -8.93 -8.94
CA TRP A 202 0.94 -9.78 -9.91
C TRP A 202 1.78 -10.97 -10.31
N VAL A 203 3.10 -10.80 -10.49
CA VAL A 203 4.02 -11.91 -10.80
C VAL A 203 3.97 -12.94 -9.65
N LEU A 204 4.01 -12.44 -8.41
CA LEU A 204 4.02 -13.30 -7.22
C LEU A 204 2.71 -14.01 -6.96
N GLU A 205 1.59 -13.55 -7.55
CA GLU A 205 0.27 -14.19 -7.39
C GLU A 205 0.24 -15.63 -7.90
N SER A 206 1.03 -15.94 -8.92
CA SER A 206 1.03 -17.28 -9.48
C SER A 206 1.99 -18.26 -8.76
N ILE A 207 2.67 -17.83 -7.65
CA ILE A 207 3.56 -18.72 -6.88
C ILE A 207 2.65 -19.54 -5.96
N PRO A 208 2.79 -20.88 -5.89
CA PRO A 208 1.93 -21.66 -4.98
C PRO A 208 2.07 -21.27 -3.53
N GLN A 209 0.96 -21.26 -2.78
CA GLN A 209 0.95 -20.86 -1.36
C GLN A 209 1.89 -21.72 -0.50
N GLU A 210 2.10 -22.97 -0.89
CA GLU A 210 3.00 -23.91 -0.22
C GLU A 210 4.46 -23.45 -0.28
N ILE A 211 4.85 -22.78 -1.36
CA ILE A 211 6.20 -22.23 -1.49
C ILE A 211 6.29 -20.97 -0.63
N VAL A 212 5.28 -20.09 -0.74
CA VAL A 212 5.23 -18.84 0.02
C VAL A 212 5.33 -19.08 1.54
N ASP A 213 4.62 -20.08 2.04
CA ASP A 213 4.60 -20.41 3.46
C ASP A 213 5.87 -21.06 3.98
N THR A 214 6.63 -21.78 3.14
CA THR A 214 7.82 -22.48 3.60
C THR A 214 9.15 -21.84 3.19
N HIS A 215 9.12 -20.86 2.28
CA HIS A 215 10.30 -20.24 1.68
C HIS A 215 10.26 -18.73 1.75
N GLU A 216 11.43 -18.11 1.66
CA GLU A 216 11.52 -16.66 1.59
C GLU A 216 12.05 -16.24 0.24
N LEU A 217 11.54 -15.13 -0.29
CA LEU A 217 12.00 -14.65 -1.58
C LEU A 217 13.41 -14.03 -1.40
N GLN A 218 14.36 -14.45 -2.21
CA GLN A 218 15.71 -13.95 -2.13
C GLN A 218 16.06 -12.97 -3.28
N VAL A 219 15.71 -13.34 -4.54
CA VAL A 219 16.03 -12.53 -5.70
C VAL A 219 14.83 -12.42 -6.63
N ILE A 220 14.58 -11.24 -7.16
CA ILE A 220 13.55 -11.05 -8.18
C ILE A 220 14.13 -10.19 -9.29
N THR A 221 14.00 -10.62 -10.55
CA THR A 221 14.43 -9.84 -11.71
C THR A 221 13.19 -9.72 -12.57
N LEU A 222 12.83 -8.50 -12.92
CA LEU A 222 11.62 -8.25 -13.69
C LEU A 222 11.89 -7.28 -14.84
N ASP A 223 11.55 -7.69 -16.06
CA ASP A 223 11.66 -6.89 -17.29
C ASP A 223 10.31 -6.24 -17.54
N TYR A 224 10.31 -4.99 -17.98
CA TYR A 224 9.07 -4.27 -18.27
C TYR A 224 9.04 -4.04 -19.76
N ARG A 225 8.08 -4.65 -20.44
CA ARG A 225 7.98 -4.53 -21.87
C ARG A 225 6.90 -3.54 -22.29
N ARG A 226 5.77 -3.59 -21.60
CA ARG A 226 4.63 -2.74 -21.93
C ARG A 226 3.85 -2.44 -20.65
N GLU A 227 3.22 -1.27 -20.56
CA GLU A 227 2.43 -0.94 -19.37
C GLU A 227 1.00 -1.44 -19.48
N CYS A 228 0.44 -1.86 -18.34
CA CYS A 228 -0.92 -2.35 -18.24
C CYS A 228 -1.78 -1.08 -18.08
N GLN A 229 -2.84 -0.95 -18.85
CA GLN A 229 -3.73 0.21 -18.75
C GLN A 229 -4.77 -0.03 -17.63
N GLN A 230 -5.46 1.05 -17.20
CA GLN A 230 -6.49 1.03 -16.15
C GLN A 230 -7.61 0.02 -16.46
N ASP A 231 -7.96 -0.14 -17.74
CA ASP A 231 -9.02 -1.05 -18.17
C ASP A 231 -8.53 -2.41 -18.67
N ASP A 232 -7.26 -2.75 -18.46
CA ASP A 232 -6.72 -4.05 -18.89
C ASP A 232 -6.86 -5.15 -17.83
N VAL A 233 -6.81 -6.40 -18.28
CA VAL A 233 -6.90 -7.60 -17.44
C VAL A 233 -5.64 -8.39 -17.69
N VAL A 234 -4.99 -8.86 -16.64
CA VAL A 234 -3.69 -9.52 -16.70
C VAL A 234 -3.75 -10.97 -16.22
N ASP A 235 -2.95 -11.82 -16.87
CA ASP A 235 -2.79 -13.23 -16.52
C ASP A 235 -1.36 -13.40 -16.05
N SER A 236 -1.16 -14.02 -14.87
CA SER A 236 0.15 -14.25 -14.29
C SER A 236 0.51 -15.73 -14.43
N LEU A 237 1.61 -16.03 -15.09
CA LEU A 237 2.00 -17.41 -15.37
C LEU A 237 3.36 -17.73 -14.76
N THR A 238 3.49 -18.92 -14.13
CA THR A 238 4.72 -19.34 -13.45
C THR A 238 5.09 -20.81 -13.75
N THR A 239 6.37 -21.07 -14.02
CA THR A 239 6.89 -22.40 -14.20
C THR A 239 8.19 -22.57 -13.43
N THR A 240 8.35 -23.68 -12.70
CA THR A 240 9.56 -23.95 -11.95
C THR A 240 10.69 -24.28 -12.91
N THR A 241 11.86 -23.69 -12.71
CA THR A 241 13.03 -23.96 -13.52
C THR A 241 14.12 -24.74 -12.76
N SER A 242 14.00 -24.85 -11.42
CA SER A 242 14.96 -25.60 -10.61
C SER A 242 14.76 -27.12 -10.66
N ASN A 259 17.23 -27.09 -1.61
CA ASN A 259 16.66 -26.05 -0.76
C ASN A 259 16.29 -24.77 -1.51
N ASP A 260 16.81 -24.57 -2.74
CA ASP A 260 16.47 -23.36 -3.51
C ASP A 260 15.46 -23.68 -4.60
N SER A 261 14.44 -22.82 -4.78
CA SER A 261 13.44 -23.00 -5.82
C SER A 261 13.51 -21.79 -6.75
N GLN A 262 13.58 -22.01 -8.07
CA GLN A 262 13.65 -20.95 -9.06
C GLN A 262 12.44 -21.02 -9.95
N PHE A 263 11.89 -19.86 -10.34
CA PHE A 263 10.73 -19.82 -11.20
C PHE A 263 10.94 -18.85 -12.34
N LEU A 264 10.30 -19.14 -13.46
CA LEU A 264 10.24 -18.29 -14.65
C LEU A 264 8.83 -17.71 -14.64
N HIS A 265 8.69 -16.41 -14.92
CA HIS A 265 7.40 -15.74 -14.88
C HIS A 265 7.09 -14.99 -16.16
N LEU A 266 5.80 -14.85 -16.45
CA LEU A 266 5.30 -14.06 -17.57
C LEU A 266 3.98 -13.44 -17.19
N LEU A 267 3.83 -12.12 -17.43
CA LEU A 267 2.56 -11.41 -17.28
C LEU A 267 2.13 -11.02 -18.68
N ARG A 268 0.89 -11.34 -19.03
CA ARG A 268 0.36 -10.99 -20.34
C ARG A 268 -1.09 -10.51 -20.22
N LEU A 269 -1.59 -9.75 -21.22
CA LEU A 269 -2.97 -9.29 -21.19
C LEU A 269 -3.91 -10.47 -21.46
N SER A 270 -5.00 -10.58 -20.70
CA SER A 270 -5.97 -11.68 -20.79
C SER A 270 -6.58 -11.80 -22.16
N GLY A 271 -6.82 -10.68 -22.82
CA GLY A 271 -7.40 -10.69 -24.15
C GLY A 271 -6.48 -11.30 -25.17
N ASP A 272 -5.79 -10.44 -25.93
CA ASP A 272 -4.85 -10.80 -27.01
C ASP A 272 -3.56 -11.53 -26.60
N GLY A 273 -3.26 -11.64 -25.31
CA GLY A 273 -2.03 -12.32 -24.88
C GLY A 273 -0.76 -11.51 -25.03
N GLN A 274 -0.88 -10.18 -25.16
CA GLN A 274 0.30 -9.32 -25.28
C GLN A 274 1.16 -9.32 -24.03
N GLU A 275 2.47 -9.58 -24.19
CA GLU A 275 3.39 -9.62 -23.06
C GLU A 275 3.56 -8.25 -22.44
N ILE A 276 3.45 -8.15 -21.10
CA ILE A 276 3.71 -6.89 -20.44
C ILE A 276 4.97 -6.97 -19.58
N ASN A 277 5.27 -8.15 -18.98
CA ASN A 277 6.46 -8.39 -18.15
C ASN A 277 6.94 -9.83 -18.26
N ARG A 278 8.24 -10.05 -18.06
CA ARG A 278 8.83 -11.37 -17.92
C ARG A 278 9.85 -11.28 -16.77
N GLY A 279 10.02 -12.36 -16.02
CA GLY A 279 10.93 -12.32 -14.89
C GLY A 279 11.30 -13.66 -14.33
N THR A 280 12.16 -13.63 -13.31
CA THR A 280 12.62 -14.82 -12.60
C THR A 280 12.65 -14.50 -11.11
N THR A 281 12.45 -15.51 -10.26
CA THR A 281 12.55 -15.38 -8.80
C THR A 281 13.31 -16.58 -8.24
N LEU A 282 14.07 -16.35 -7.17
CA LEU A 282 14.80 -17.39 -6.45
C LEU A 282 14.30 -17.36 -5.00
N TRP A 283 13.93 -18.54 -4.47
CA TRP A 283 13.39 -18.66 -3.12
C TRP A 283 14.25 -19.63 -2.31
N ARG A 284 14.38 -19.39 -1.01
CA ARG A 284 15.19 -20.27 -0.17
C ARG A 284 14.37 -20.80 1.01
N LYS A 285 14.54 -22.09 1.37
CA LYS A 285 13.78 -22.70 2.47
C LYS A 285 14.10 -22.04 3.81
N LYS A 286 13.05 -21.62 4.51
CA LYS A 286 13.06 -20.90 5.78
C LYS A 286 13.72 -21.61 6.98
N GLY B 2 5.96 8.44 17.25
CA GLY B 2 4.85 8.91 18.05
C GLY B 2 5.06 8.76 19.55
N SER B 3 4.04 9.09 20.35
CA SER B 3 4.13 8.94 21.79
C SER B 3 2.75 9.03 22.44
N LEU B 4 2.62 8.44 23.65
CA LEU B 4 1.42 8.58 24.46
C LEU B 4 1.32 10.05 24.92
N THR B 5 0.11 10.53 25.19
CA THR B 5 -0.04 11.91 25.70
C THR B 5 0.36 11.97 27.19
N GLU B 6 0.35 13.17 27.80
CA GLU B 6 0.74 13.32 29.18
C GLU B 6 -0.05 12.42 30.15
N ASP B 7 -1.37 12.28 29.94
CA ASP B 7 -2.17 11.43 30.81
C ASP B 7 -2.14 9.92 30.47
N GLY B 8 -1.46 9.54 29.39
CA GLY B 8 -1.34 8.14 28.97
C GLY B 8 -2.62 7.49 28.49
N LEU B 9 -3.65 8.29 28.19
CA LEU B 9 -4.95 7.76 27.73
C LEU B 9 -5.21 7.91 26.22
N SER B 10 -4.27 8.51 25.48
CA SER B 10 -4.34 8.64 24.03
C SER B 10 -2.91 8.62 23.44
N TYR B 11 -2.80 8.39 22.12
CA TYR B 11 -1.51 8.30 21.46
C TYR B 11 -1.49 9.23 20.25
N LYS B 12 -0.38 9.93 20.03
CA LYS B 12 -0.25 10.87 18.93
C LYS B 12 0.91 10.48 18.04
N GLU B 13 0.79 10.70 16.71
CA GLU B 13 1.88 10.42 15.77
C GLU B 13 1.83 11.30 14.52
N LYS B 14 2.99 11.78 14.04
CA LYS B 14 3.08 12.55 12.79
C LYS B 14 3.52 11.64 11.62
N PHE B 15 2.96 11.88 10.43
CA PHE B 15 3.27 11.10 9.23
C PHE B 15 3.53 12.08 8.08
N VAL B 16 4.56 11.82 7.26
CA VAL B 16 4.84 12.66 6.09
C VAL B 16 4.25 11.92 4.89
N VAL B 17 3.28 12.53 4.20
CA VAL B 17 2.61 11.92 3.05
C VAL B 17 3.58 11.56 1.93
N ARG B 18 3.61 10.28 1.53
CA ARG B 18 4.52 9.74 0.52
C ARG B 18 4.03 9.90 -0.92
N SER B 19 4.95 9.87 -1.88
CA SER B 19 4.67 10.00 -3.31
C SER B 19 3.68 8.97 -3.80
N TYR B 20 3.82 7.70 -3.36
CA TYR B 20 2.91 6.65 -3.82
C TYR B 20 1.58 6.61 -3.03
N GLU B 21 1.45 7.43 -1.99
CA GLU B 21 0.25 7.48 -1.16
C GLU B 21 -0.82 8.45 -1.72
N VAL B 22 -0.49 9.27 -2.75
CA VAL B 22 -1.39 10.26 -3.28
C VAL B 22 -2.07 9.87 -4.58
N GLY B 23 -3.22 10.48 -4.86
CA GLY B 23 -3.98 10.25 -6.08
C GLY B 23 -3.78 11.35 -7.09
N SER B 24 -4.78 11.55 -7.98
CA SER B 24 -4.80 12.55 -9.06
C SER B 24 -4.65 13.98 -8.59
N ASN B 25 -5.13 14.27 -7.39
CA ASN B 25 -5.06 15.62 -6.84
C ASN B 25 -3.73 15.92 -6.11
N LYS B 26 -2.77 14.97 -6.10
CA LYS B 26 -1.50 15.08 -5.36
C LYS B 26 -1.73 15.23 -3.85
N THR B 27 -2.86 14.69 -3.35
CA THR B 27 -3.20 14.61 -1.95
C THR B 27 -3.48 13.14 -1.60
N ALA B 28 -3.33 12.79 -0.31
CA ALA B 28 -3.53 11.44 0.19
C ALA B 28 -4.90 10.83 -0.15
N THR B 29 -4.92 9.59 -0.61
CA THR B 29 -6.17 8.89 -0.89
C THR B 29 -6.83 8.55 0.46
N VAL B 30 -8.15 8.27 0.47
CA VAL B 30 -8.82 7.87 1.70
C VAL B 30 -8.29 6.50 2.19
N GLU B 31 -7.78 5.65 1.26
CA GLU B 31 -7.20 4.39 1.64
C GLU B 31 -5.88 4.61 2.36
N THR B 32 -5.08 5.62 1.93
CA THR B 32 -3.84 5.98 2.64
C THR B 32 -4.19 6.43 4.06
N ILE B 33 -5.23 7.26 4.20
CA ILE B 33 -5.70 7.75 5.49
C ILE B 33 -6.06 6.59 6.42
N ALA B 34 -6.87 5.64 5.92
CA ALA B 34 -7.31 4.46 6.66
C ALA B 34 -6.13 3.55 7.07
N ASN B 35 -5.07 3.51 6.25
CA ASN B 35 -3.86 2.76 6.57
C ASN B 35 -3.11 3.46 7.69
N LEU B 36 -3.03 4.80 7.65
CA LEU B 36 -2.39 5.59 8.72
C LEU B 36 -3.17 5.49 10.04
N LEU B 37 -4.51 5.40 9.97
CA LEU B 37 -5.31 5.25 11.20
C LEU B 37 -5.00 3.89 11.86
N GLN B 38 -4.81 2.85 11.03
CA GLN B 38 -4.44 1.53 11.51
C GLN B 38 -3.08 1.56 12.15
N GLU B 39 -2.11 2.23 11.51
CA GLU B 39 -0.75 2.30 12.01
C GLU B 39 -0.67 3.01 13.37
N VAL B 40 -1.35 4.17 13.52
CA VAL B 40 -1.32 4.88 14.80
C VAL B 40 -2.06 4.07 15.90
N GLY B 41 -3.11 3.32 15.49
CA GLY B 41 -3.84 2.44 16.40
C GLY B 41 -2.94 1.32 16.90
N CYS B 42 -2.14 0.75 15.97
CA CYS B 42 -1.22 -0.33 16.34
C CYS B 42 -0.04 0.19 17.16
N ASN B 43 0.43 1.42 16.93
CA ASN B 43 1.51 1.99 17.75
C ASN B 43 1.02 2.34 19.15
N HIS B 44 -0.25 2.75 19.28
CA HIS B 44 -0.91 3.00 20.56
C HIS B 44 -0.91 1.68 21.37
N ALA B 45 -1.26 0.56 20.73
CA ALA B 45 -1.24 -0.74 21.39
C ALA B 45 0.18 -1.14 21.87
N GLN B 46 1.21 -0.87 21.08
CA GLN B 46 2.59 -1.20 21.46
C GLN B 46 3.04 -0.33 22.63
N SER B 47 2.65 0.96 22.65
CA SER B 47 3.05 1.87 23.73
C SER B 47 2.42 1.53 25.09
N VAL B 48 1.33 0.74 25.12
CA VAL B 48 0.72 0.30 26.37
C VAL B 48 1.09 -1.15 26.75
N GLY B 49 2.04 -1.74 26.02
CA GLY B 49 2.55 -3.04 26.37
C GLY B 49 1.99 -4.23 25.65
N PHE B 50 1.30 -4.01 24.52
CA PHE B 50 0.83 -5.15 23.72
C PHE B 50 1.86 -5.26 22.56
N SER B 51 2.87 -6.14 22.71
CA SER B 51 4.02 -6.34 21.79
C SER B 51 3.70 -6.64 20.30
N THR B 52 4.73 -6.57 19.41
CA THR B 52 4.57 -6.88 17.99
C THR B 52 4.37 -8.38 17.68
N ASP B 53 4.25 -9.25 18.71
CA ASP B 53 3.95 -10.67 18.46
C ASP B 53 2.47 -10.91 18.09
N GLY B 54 1.64 -9.86 18.19
CA GLY B 54 0.23 -9.91 17.87
C GLY B 54 -0.21 -8.62 17.22
N PHE B 55 -1.25 -8.70 16.43
CA PHE B 55 -1.76 -7.54 15.70
C PHE B 55 -2.66 -6.71 16.60
N ALA B 56 -2.05 -6.01 17.56
CA ALA B 56 -2.72 -5.19 18.57
C ALA B 56 -3.70 -5.97 19.45
N THR B 57 -3.48 -7.28 19.59
CA THR B 57 -4.31 -8.09 20.47
C THR B 57 -3.74 -7.99 21.88
N THR B 58 -4.62 -7.98 22.86
CA THR B 58 -4.20 -7.94 24.26
C THR B 58 -3.62 -9.33 24.68
N THR B 59 -2.93 -9.37 25.80
CA THR B 59 -2.31 -10.55 26.39
C THR B 59 -3.32 -11.69 26.66
N THR B 60 -4.50 -11.34 27.18
CA THR B 60 -5.55 -12.33 27.43
C THR B 60 -6.17 -12.80 26.11
N MET B 61 -6.26 -11.90 25.09
CA MET B 61 -6.77 -12.25 23.78
C MET B 61 -5.87 -13.32 23.15
N ARG B 62 -4.54 -13.19 23.30
CA ARG B 62 -3.57 -14.15 22.75
C ARG B 62 -3.70 -15.53 23.39
N LYS B 63 -4.02 -15.57 24.67
CA LYS B 63 -4.22 -16.80 25.41
C LYS B 63 -5.51 -17.51 24.94
N LEU B 64 -6.56 -16.75 24.58
CA LEU B 64 -7.84 -17.27 24.11
C LEU B 64 -7.91 -17.47 22.58
N HIS B 65 -6.82 -17.19 21.83
CA HIS B 65 -6.80 -17.30 20.37
C HIS B 65 -7.81 -16.32 19.74
N LEU B 66 -7.87 -15.10 20.29
CA LEU B 66 -8.80 -14.08 19.82
C LEU B 66 -8.08 -12.98 19.06
N ILE B 67 -8.72 -12.46 18.01
CA ILE B 67 -8.23 -11.33 17.23
C ILE B 67 -9.31 -10.24 17.17
N TRP B 68 -8.94 -9.01 16.77
CA TRP B 68 -9.90 -7.92 16.64
C TRP B 68 -10.53 -7.91 15.26
N VAL B 69 -11.85 -7.63 15.17
CA VAL B 69 -12.52 -7.50 13.88
C VAL B 69 -13.36 -6.22 13.87
N THR B 70 -13.29 -5.48 12.76
CA THR B 70 -14.07 -4.25 12.62
C THR B 70 -15.53 -4.57 12.34
N ALA B 71 -16.43 -3.89 13.02
CA ALA B 71 -17.87 -4.01 12.78
C ALA B 71 -18.38 -2.77 11.96
N ARG B 72 -17.77 -1.61 12.18
CA ARG B 72 -18.17 -0.38 11.50
C ARG B 72 -17.01 0.59 11.43
N MET B 73 -16.93 1.36 10.36
CA MET B 73 -15.91 2.39 10.21
C MET B 73 -16.58 3.64 9.67
N HIS B 74 -16.27 4.84 10.22
CA HIS B 74 -16.86 6.07 9.74
C HIS B 74 -15.74 7.09 9.69
N ILE B 75 -15.42 7.62 8.49
CA ILE B 75 -14.34 8.57 8.31
C ILE B 75 -14.86 9.85 7.65
N GLU B 76 -14.51 11.02 8.21
N GLU B 76 -14.51 11.02 8.21
N GLU B 76 -14.51 11.02 8.21
CA GLU B 76 -14.93 12.31 7.64
CA GLU B 76 -14.90 12.31 7.66
CA GLU B 76 -14.93 12.31 7.64
C GLU B 76 -13.69 13.17 7.44
C GLU B 76 -13.64 13.14 7.42
C GLU B 76 -13.69 13.18 7.44
N ILE B 77 -13.35 13.50 6.17
CA ILE B 77 -12.17 14.31 5.83
C ILE B 77 -12.57 15.68 5.34
N TYR B 78 -12.04 16.73 5.95
CA TYR B 78 -12.28 18.13 5.59
C TYR B 78 -11.23 18.58 4.59
N LYS B 79 -9.97 18.17 4.78
CA LYS B 79 -8.88 18.51 3.87
C LYS B 79 -7.94 17.31 3.82
N TYR B 80 -7.65 16.81 2.62
CA TYR B 80 -6.73 15.67 2.47
C TYR B 80 -5.33 16.24 2.44
N PRO B 81 -4.39 15.69 3.23
CA PRO B 81 -3.03 16.27 3.23
C PRO B 81 -2.34 16.07 1.90
N ALA B 82 -1.60 17.05 1.47
CA ALA B 82 -0.86 17.02 0.21
C ALA B 82 0.43 16.16 0.35
N TRP B 83 1.00 15.76 -0.79
CA TRP B 83 2.25 15.02 -0.87
C TRP B 83 3.37 15.86 -0.21
N GLY B 84 3.96 15.33 0.85
CA GLY B 84 4.99 16.03 1.60
C GLY B 84 4.50 16.73 2.85
N ASP B 85 3.17 16.91 2.99
CA ASP B 85 2.62 17.57 4.17
C ASP B 85 2.74 16.65 5.39
N VAL B 86 2.84 17.25 6.58
CA VAL B 86 2.89 16.48 7.82
C VAL B 86 1.49 16.44 8.44
N VAL B 87 0.98 15.23 8.70
CA VAL B 87 -0.32 15.09 9.34
C VAL B 87 -0.15 14.46 10.73
N GLU B 88 -0.78 15.03 11.76
CA GLU B 88 -0.69 14.47 13.12
C GLU B 88 -2.00 13.81 13.45
N ILE B 89 -1.94 12.54 13.86
CA ILE B 89 -3.15 11.79 14.23
C ILE B 89 -3.13 11.44 15.71
N GLU B 90 -4.25 11.67 16.39
CA GLU B 90 -4.38 11.29 17.81
C GLU B 90 -5.44 10.21 17.90
N THR B 91 -5.19 9.15 18.65
CA THR B 91 -6.12 8.05 18.78
C THR B 91 -6.28 7.58 20.23
N TRP B 92 -7.46 7.05 20.56
CA TRP B 92 -7.83 6.54 21.87
C TRP B 92 -8.94 5.48 21.73
N CYS B 93 -9.14 4.67 22.79
CA CYS B 93 -10.10 3.56 22.86
C CYS B 93 -11.11 3.76 23.97
N GLN B 94 -12.30 3.18 23.81
CA GLN B 94 -13.32 3.24 24.85
C GLN B 94 -14.23 2.02 24.74
N SER B 95 -14.55 1.35 25.86
CA SER B 95 -15.49 0.24 25.81
C SER B 95 -16.88 0.81 25.61
N GLU B 96 -17.72 0.13 24.80
CA GLU B 96 -19.07 0.64 24.59
C GLU B 96 -20.06 -0.17 25.43
N GLY B 97 -20.17 0.24 26.69
CA GLY B 97 -21.00 -0.42 27.70
C GLY B 97 -20.38 -1.76 28.06
N ARG B 98 -20.76 -2.80 27.31
CA ARG B 98 -20.23 -4.16 27.47
C ARG B 98 -20.49 -5.02 26.24
N ILE B 99 -20.55 -4.41 25.06
CA ILE B 99 -20.80 -5.15 23.83
C ILE B 99 -19.53 -5.19 22.94
N GLY B 100 -19.01 -4.01 22.60
CA GLY B 100 -17.84 -3.87 21.76
C GLY B 100 -16.83 -2.88 22.29
N THR B 101 -15.97 -2.40 21.40
CA THR B 101 -14.92 -1.44 21.72
C THR B 101 -14.84 -0.44 20.61
N ARG B 102 -14.75 0.83 20.96
CA ARG B 102 -14.68 1.89 19.96
C ARG B 102 -13.26 2.43 19.87
N ARG B 103 -12.76 2.71 18.66
CA ARG B 103 -11.47 3.40 18.53
C ARG B 103 -11.78 4.68 17.75
N ASP B 104 -11.38 5.84 18.28
CA ASP B 104 -11.57 7.11 17.61
C ASP B 104 -10.22 7.74 17.24
N TRP B 105 -10.24 8.64 16.24
CA TRP B 105 -9.06 9.37 15.77
C TRP B 105 -9.47 10.78 15.41
N ILE B 106 -8.51 11.73 15.55
CA ILE B 106 -8.61 13.11 15.11
C ILE B 106 -7.37 13.36 14.26
N LEU B 107 -7.55 13.93 13.07
N LEU B 107 -7.55 13.96 13.08
N LEU B 107 -7.55 13.93 13.07
CA LEU B 107 -6.46 14.25 12.17
CA LEU B 107 -6.45 14.26 12.19
CA LEU B 107 -6.46 14.25 12.17
C LEU B 107 -6.29 15.76 12.15
C LEU B 107 -6.28 15.77 12.15
C LEU B 107 -6.29 15.76 12.15
N LYS B 108 -5.05 16.24 12.30
CA LYS B 108 -4.78 17.67 12.33
C LYS B 108 -3.63 18.05 11.43
N ASP B 109 -3.62 19.33 10.97
CA ASP B 109 -2.51 19.94 10.23
C ASP B 109 -1.45 20.13 11.32
N SER B 110 -0.28 19.54 11.12
CA SER B 110 0.78 19.55 12.12
C SER B 110 1.28 20.95 12.47
N VAL B 111 1.18 21.90 11.53
CA VAL B 111 1.66 23.25 11.77
C VAL B 111 0.62 24.12 12.50
N THR B 112 -0.58 24.27 11.92
CA THR B 112 -1.64 25.13 12.44
C THR B 112 -2.52 24.53 13.54
N GLY B 113 -2.54 23.21 13.66
CA GLY B 113 -3.37 22.54 14.65
C GLY B 113 -4.83 22.37 14.25
N GLU B 114 -5.24 22.86 13.05
CA GLU B 114 -6.62 22.73 12.62
C GLU B 114 -7.00 21.30 12.31
N VAL B 115 -8.23 20.92 12.69
CA VAL B 115 -8.74 19.58 12.46
C VAL B 115 -9.07 19.42 10.99
N THR B 116 -8.36 18.52 10.32
CA THR B 116 -8.57 18.23 8.90
C THR B 116 -9.37 16.95 8.67
N GLY B 117 -9.69 16.22 9.74
CA GLY B 117 -10.44 14.99 9.64
C GLY B 117 -10.72 14.31 10.97
N ARG B 118 -11.69 13.40 10.99
N ARG B 118 -11.69 13.40 10.99
N ARG B 118 -11.69 13.40 10.97
CA ARG B 118 -12.03 12.64 12.18
CA ARG B 118 -12.03 12.64 12.18
CA ARG B 118 -12.03 12.63 12.17
C ARG B 118 -12.62 11.29 11.82
C ARG B 118 -12.62 11.29 11.82
C ARG B 118 -12.62 11.28 11.81
N ALA B 119 -12.36 10.27 12.66
CA ALA B 119 -12.84 8.94 12.38
C ALA B 119 -13.24 8.19 13.63
N THR B 120 -14.16 7.26 13.47
CA THR B 120 -14.60 6.41 14.56
C THR B 120 -14.83 5.00 14.03
N SER B 121 -14.58 3.98 14.87
CA SER B 121 -14.74 2.60 14.47
C SER B 121 -15.24 1.75 15.60
N LYS B 122 -16.00 0.68 15.29
CA LYS B 122 -16.48 -0.27 16.30
C LYS B 122 -15.77 -1.60 16.09
N TRP B 123 -15.36 -2.25 17.18
CA TRP B 123 -14.64 -3.50 17.10
C TRP B 123 -15.26 -4.57 17.98
N VAL B 124 -15.26 -5.81 17.50
CA VAL B 124 -15.70 -7.00 18.25
C VAL B 124 -14.55 -8.05 18.19
N MET B 125 -14.62 -9.15 18.96
CA MET B 125 -13.54 -10.15 18.90
C MET B 125 -13.97 -11.42 18.16
N MET B 126 -13.01 -12.09 17.52
CA MET B 126 -13.29 -13.29 16.73
C MET B 126 -12.23 -14.34 17.06
N ASN B 127 -12.64 -15.62 17.13
CA ASN B 127 -11.70 -16.70 17.38
C ASN B 127 -10.90 -16.85 16.09
N GLN B 128 -9.56 -16.74 16.16
CA GLN B 128 -8.74 -16.77 14.95
C GLN B 128 -8.82 -18.12 14.23
N ASP B 129 -9.06 -19.21 14.97
CA ASP B 129 -9.16 -20.54 14.40
C ASP B 129 -10.54 -20.82 13.75
N THR B 130 -11.64 -20.69 14.50
CA THR B 130 -12.99 -20.95 13.97
C THR B 130 -13.59 -19.81 13.16
N ARG B 131 -13.13 -18.59 13.43
CA ARG B 131 -13.59 -17.35 12.83
C ARG B 131 -15.02 -16.98 13.27
N ARG B 132 -15.40 -17.41 14.48
CA ARG B 132 -16.69 -17.11 15.11
C ARG B 132 -16.52 -15.93 16.04
N LEU B 133 -17.51 -15.03 16.08
CA LEU B 133 -17.48 -13.90 16.98
C LEU B 133 -17.67 -14.42 18.40
N GLN B 134 -16.76 -14.11 19.33
CA GLN B 134 -16.82 -14.61 20.70
C GLN B 134 -17.16 -13.51 21.72
N LYS B 135 -18.13 -13.80 22.60
CA LYS B 135 -18.62 -12.88 23.62
C LYS B 135 -17.64 -12.60 24.75
N VAL B 136 -17.49 -11.31 25.12
CA VAL B 136 -16.60 -10.94 26.22
C VAL B 136 -17.28 -11.14 27.59
N SER B 137 -16.85 -12.14 28.34
CA SER B 137 -17.42 -12.41 29.66
C SER B 137 -16.51 -11.86 30.75
N ASP B 138 -16.28 -10.53 30.72
CA ASP B 138 -15.41 -9.81 31.66
C ASP B 138 -13.94 -10.34 31.65
N ASP B 139 -13.06 -9.84 32.56
CA ASP B 139 -11.65 -10.22 32.67
C ASP B 139 -10.80 -9.62 31.56
N VAL B 140 -11.31 -9.65 30.32
CA VAL B 140 -10.68 -9.06 29.15
C VAL B 140 -10.77 -7.54 29.28
N ARG B 141 -11.93 -7.02 29.70
CA ARG B 141 -12.18 -5.59 29.91
C ARG B 141 -11.23 -5.02 30.96
N ASP B 142 -10.96 -5.78 32.03
CA ASP B 142 -10.07 -5.37 33.10
C ASP B 142 -8.64 -5.19 32.62
N GLU B 143 -8.22 -6.02 31.65
CA GLU B 143 -6.87 -5.94 31.10
C GLU B 143 -6.56 -4.66 30.35
N TYR B 144 -7.59 -3.91 29.89
CA TYR B 144 -7.32 -2.66 29.16
C TYR B 144 -8.16 -1.46 29.61
N LEU B 145 -9.00 -1.60 30.66
CA LEU B 145 -9.82 -0.49 31.13
C LEU B 145 -8.98 0.71 31.55
N VAL B 146 -7.86 0.44 32.26
CA VAL B 146 -6.92 1.46 32.71
C VAL B 146 -6.32 2.27 31.57
N PHE B 147 -6.31 1.74 30.34
CA PHE B 147 -5.74 2.42 29.20
C PHE B 147 -6.75 3.30 28.44
N CYS B 148 -8.02 3.31 28.86
CA CYS B 148 -9.07 4.12 28.23
C CYS B 148 -9.36 5.37 29.05
N PRO B 149 -9.77 6.48 28.41
CA PRO B 149 -10.23 7.63 29.20
C PRO B 149 -11.52 7.23 29.95
N GLN B 150 -11.63 7.64 31.21
CA GLN B 150 -12.77 7.28 32.04
C GLN B 150 -14.02 8.04 31.63
N GLU B 151 -13.89 9.35 31.47
CA GLU B 151 -14.99 10.18 31.00
C GLU B 151 -15.14 9.91 29.52
N PRO B 152 -16.37 9.85 29.01
CA PRO B 152 -16.57 9.63 27.57
C PRO B 152 -15.88 10.68 26.72
N ARG B 153 -15.16 10.22 25.70
CA ARG B 153 -14.44 11.07 24.79
C ARG B 153 -14.78 10.59 23.40
N LEU B 154 -15.54 11.40 22.64
CA LEU B 154 -16.02 11.04 21.32
C LEU B 154 -15.41 11.90 20.24
N ALA B 155 -14.99 11.29 19.12
CA ALA B 155 -14.53 12.06 17.96
C ALA B 155 -15.72 12.77 17.31
N PHE B 156 -16.91 12.18 17.37
CA PHE B 156 -18.13 12.76 16.85
C PHE B 156 -19.06 12.98 18.03
N PRO B 157 -18.87 14.09 18.76
CA PRO B 157 -19.68 14.32 19.96
C PRO B 157 -21.06 14.87 19.70
N GLU B 158 -21.33 15.37 18.49
CA GLU B 158 -22.58 16.03 18.13
C GLU B 158 -23.79 15.14 18.21
N GLU B 159 -24.94 15.73 18.53
CA GLU B 159 -26.21 15.01 18.63
C GLU B 159 -26.70 14.78 17.23
N ASN B 160 -27.04 13.52 16.91
CA ASN B 160 -27.49 13.11 15.60
C ASN B 160 -26.42 13.35 14.54
N ASN B 161 -25.17 12.95 14.85
CA ASN B 161 -24.08 13.07 13.89
C ASN B 161 -24.19 11.93 12.82
N ARG B 162 -23.36 11.99 11.77
CA ARG B 162 -23.43 11.01 10.68
C ARG B 162 -22.97 9.59 11.05
N SER B 163 -22.11 9.44 12.07
CA SER B 163 -21.59 8.13 12.49
C SER B 163 -22.61 7.22 13.17
N LEU B 164 -23.79 7.75 13.51
CA LEU B 164 -24.84 7.00 14.20
C LEU B 164 -25.98 6.51 13.28
N LYS B 165 -25.93 6.84 11.98
CA LYS B 165 -26.98 6.55 11.00
C LYS B 165 -27.08 5.08 10.57
N LYS B 166 -28.31 4.53 10.53
CA LYS B 166 -28.54 3.14 10.09
C LYS B 166 -28.49 3.06 8.54
N ILE B 167 -27.87 2.00 7.99
CA ILE B 167 -27.70 1.89 6.55
C ILE B 167 -28.66 0.87 5.93
N PRO B 168 -29.47 1.28 4.95
CA PRO B 168 -30.38 0.31 4.30
C PRO B 168 -29.65 -0.61 3.31
N LYS B 169 -30.28 -1.72 2.92
CA LYS B 169 -29.67 -2.62 1.95
C LYS B 169 -30.01 -2.18 0.53
N LEU B 170 -28.99 -2.08 -0.35
CA LEU B 170 -29.17 -1.67 -1.74
C LEU B 170 -30.09 -2.66 -2.47
N GLU B 171 -31.13 -2.12 -3.15
CA GLU B 171 -32.10 -2.94 -3.89
C GLU B 171 -31.63 -3.11 -5.33
N ASP B 172 -31.80 -4.31 -5.88
CA ASP B 172 -31.40 -4.58 -7.26
C ASP B 172 -32.49 -4.06 -8.20
N PRO B 173 -32.13 -3.47 -9.36
CA PRO B 173 -30.77 -3.32 -9.90
C PRO B 173 -29.99 -2.11 -9.39
N ALA B 174 -28.68 -2.28 -9.22
CA ALA B 174 -27.79 -1.19 -8.84
C ALA B 174 -27.59 -0.24 -10.04
N GLN B 175 -27.31 1.03 -9.78
CA GLN B 175 -27.09 2.00 -10.85
C GLN B 175 -25.71 1.78 -11.48
N TYR B 176 -24.71 1.46 -10.66
CA TYR B 176 -23.33 1.24 -11.07
C TYR B 176 -22.76 -0.04 -10.41
N SER B 177 -21.78 -0.68 -11.05
CA SER B 177 -21.20 -1.90 -10.52
C SER B 177 -19.78 -2.15 -10.99
N MET B 178 -19.01 -2.84 -10.17
CA MET B 178 -17.68 -3.33 -10.52
C MET B 178 -17.72 -4.79 -10.08
N ILE B 179 -17.59 -5.73 -11.03
CA ILE B 179 -17.73 -7.15 -10.73
C ILE B 179 -16.41 -7.91 -10.79
N GLY B 180 -16.34 -9.00 -10.04
CA GLY B 180 -15.21 -9.91 -10.08
C GLY B 180 -13.97 -9.44 -9.34
N LEU B 181 -14.14 -8.64 -8.28
CA LEU B 181 -13.01 -8.15 -7.49
C LEU B 181 -12.46 -9.28 -6.61
N LYS B 182 -11.15 -9.49 -6.62
CA LYS B 182 -10.49 -10.55 -5.86
C LYS B 182 -9.32 -9.96 -5.11
N PRO B 183 -9.09 -10.37 -3.86
CA PRO B 183 -7.92 -9.84 -3.14
C PRO B 183 -6.63 -10.56 -3.58
N ARG B 184 -5.52 -9.83 -3.57
CA ARG B 184 -4.23 -10.45 -3.84
C ARG B 184 -3.44 -10.48 -2.51
N ARG B 185 -2.22 -11.05 -2.49
CA ARG B 185 -1.47 -11.15 -1.25
C ARG B 185 -1.21 -9.78 -0.58
N ALA B 186 -1.03 -8.69 -1.37
CA ALA B 186 -0.85 -7.36 -0.76
C ALA B 186 -2.09 -6.86 -0.01
N ASP B 187 -3.27 -7.46 -0.26
CA ASP B 187 -4.49 -7.06 0.43
C ASP B 187 -4.66 -7.74 1.81
N LEU B 188 -3.78 -8.68 2.17
CA LEU B 188 -3.91 -9.40 3.43
C LEU B 188 -3.08 -8.78 4.54
N ASP B 189 -3.57 -8.90 5.78
CA ASP B 189 -2.84 -8.45 6.96
C ASP B 189 -1.91 -9.58 7.47
N MET B 190 -1.23 -9.33 8.58
CA MET B 190 -0.31 -10.28 9.21
C MET B 190 -1.00 -11.54 9.72
N ASN B 191 -2.32 -11.51 9.92
CA ASN B 191 -3.07 -12.72 10.31
C ASN B 191 -3.62 -13.48 9.09
N GLN B 192 -3.30 -13.04 7.86
CA GLN B 192 -3.79 -13.63 6.62
C GLN B 192 -5.29 -13.43 6.40
N HIS B 193 -5.84 -12.34 6.95
CA HIS B 193 -7.22 -11.93 6.73
C HIS B 193 -7.17 -10.74 5.78
N VAL B 194 -8.22 -10.53 4.99
CA VAL B 194 -8.28 -9.35 4.11
C VAL B 194 -8.29 -8.07 4.95
N ASN B 195 -7.38 -7.14 4.66
CA ASN B 195 -7.25 -5.90 5.42
C ASN B 195 -8.51 -5.09 5.33
N ASN B 196 -8.97 -4.55 6.47
CA ASN B 196 -10.19 -3.76 6.50
C ASN B 196 -10.20 -2.58 5.52
N VAL B 197 -9.01 -2.07 5.12
CA VAL B 197 -8.88 -0.98 4.16
C VAL B 197 -9.26 -1.40 2.73
N THR B 198 -9.02 -2.68 2.38
CA THR B 198 -9.35 -3.23 1.05
C THR B 198 -10.83 -3.08 0.72
N TYR B 199 -11.71 -3.29 1.71
CA TYR B 199 -13.15 -3.16 1.49
C TYR B 199 -13.51 -1.72 1.14
N ILE B 200 -12.78 -0.73 1.66
CA ILE B 200 -13.00 0.68 1.29
C ILE B 200 -12.66 0.86 -0.19
N GLY B 201 -11.54 0.29 -0.61
CA GLY B 201 -11.13 0.34 -2.01
C GLY B 201 -12.14 -0.34 -2.94
N TRP B 202 -12.71 -1.44 -2.49
CA TRP B 202 -13.70 -2.17 -3.29
C TRP B 202 -15.02 -1.46 -3.38
N VAL B 203 -15.48 -0.83 -2.30
CA VAL B 203 -16.72 -0.02 -2.32
C VAL B 203 -16.55 1.14 -3.32
N LEU B 204 -15.39 1.81 -3.26
CA LEU B 204 -15.11 2.95 -4.13
C LEU B 204 -14.91 2.59 -5.60
N GLU B 205 -14.66 1.32 -5.92
CA GLU B 205 -14.50 0.86 -7.31
C GLU B 205 -15.74 1.05 -8.16
N SER B 206 -16.92 1.00 -7.54
CA SER B 206 -18.16 1.16 -8.29
C SER B 206 -18.61 2.63 -8.45
N ILE B 207 -17.83 3.62 -7.97
CA ILE B 207 -18.15 5.04 -8.16
C ILE B 207 -17.71 5.41 -9.57
N PRO B 208 -18.54 6.07 -10.39
CA PRO B 208 -18.08 6.44 -11.75
C PRO B 208 -16.86 7.38 -11.72
N GLN B 209 -15.92 7.18 -12.66
CA GLN B 209 -14.69 7.98 -12.75
C GLN B 209 -14.98 9.49 -12.89
N GLU B 210 -16.11 9.83 -13.51
CA GLU B 210 -16.59 11.20 -13.70
C GLU B 210 -16.88 11.89 -12.37
N ILE B 211 -17.35 11.15 -11.36
CA ILE B 211 -17.60 11.68 -10.02
C ILE B 211 -16.25 11.84 -9.33
N VAL B 212 -15.40 10.81 -9.41
CA VAL B 212 -14.08 10.82 -8.78
C VAL B 212 -13.23 12.01 -9.24
N ASP B 213 -13.26 12.30 -10.54
CA ASP B 213 -12.48 13.39 -11.12
C ASP B 213 -13.00 14.79 -10.81
N THR B 214 -14.33 14.94 -10.60
CA THR B 214 -14.90 16.27 -10.35
C THR B 214 -15.32 16.55 -8.90
N HIS B 215 -15.38 15.52 -8.08
CA HIS B 215 -15.77 15.65 -6.67
C HIS B 215 -14.69 15.09 -5.74
N GLU B 216 -14.73 15.47 -4.44
CA GLU B 216 -13.85 14.95 -3.39
C GLU B 216 -14.69 14.17 -2.37
N LEU B 217 -14.15 13.07 -1.86
CA LEU B 217 -14.88 12.27 -0.87
C LEU B 217 -14.86 13.00 0.46
N GLN B 218 -16.01 13.19 1.08
CA GLN B 218 -16.12 13.87 2.35
C GLN B 218 -16.40 12.90 3.52
N VAL B 219 -17.37 11.98 3.34
CA VAL B 219 -17.76 11.06 4.41
C VAL B 219 -17.90 9.65 3.87
N ILE B 220 -17.40 8.65 4.61
CA ILE B 220 -17.63 7.26 4.24
C ILE B 220 -18.03 6.52 5.51
N THR B 221 -19.14 5.77 5.46
CA THR B 221 -19.57 4.94 6.57
C THR B 221 -19.67 3.54 6.00
N LEU B 222 -19.00 2.59 6.63
CA LEU B 222 -18.96 1.23 6.13
C LEU B 222 -19.22 0.23 7.25
N ASP B 223 -20.23 -0.62 7.08
CA ASP B 223 -20.58 -1.70 8.01
C ASP B 223 -19.91 -2.98 7.50
N TYR B 224 -19.37 -3.79 8.41
CA TYR B 224 -18.72 -5.04 8.04
C TYR B 224 -19.58 -6.14 8.61
N ARG B 225 -20.21 -6.91 7.75
CA ARG B 225 -21.15 -7.98 8.13
C ARG B 225 -20.46 -9.35 8.13
N ARG B 226 -19.64 -9.59 7.12
CA ARG B 226 -18.97 -10.87 6.95
C ARG B 226 -17.63 -10.65 6.27
N GLU B 227 -16.66 -11.49 6.58
N GLU B 227 -16.65 -11.50 6.57
N GLU B 227 -16.66 -11.49 6.58
CA GLU B 227 -15.33 -11.36 5.99
CA GLU B 227 -15.33 -11.35 5.98
CA GLU B 227 -15.33 -11.36 5.99
C GLU B 227 -15.24 -11.98 4.60
C GLU B 227 -15.27 -11.95 4.58
C GLU B 227 -15.24 -11.98 4.60
N CYS B 228 -14.43 -11.37 3.72
CA CYS B 228 -14.21 -11.92 2.40
C CYS B 228 -12.99 -12.85 2.61
N GLN B 229 -13.10 -14.10 2.19
CA GLN B 229 -11.99 -15.06 2.32
C GLN B 229 -11.01 -14.88 1.15
N GLN B 230 -9.79 -15.45 1.29
CA GLN B 230 -8.73 -15.36 0.28
C GLN B 230 -9.17 -15.86 -1.10
N ASP B 231 -10.05 -16.88 -1.13
CA ASP B 231 -10.56 -17.46 -2.37
C ASP B 231 -11.94 -16.95 -2.81
N ASP B 232 -12.45 -15.87 -2.20
CA ASP B 232 -13.75 -15.31 -2.58
C ASP B 232 -13.64 -14.25 -3.68
N VAL B 233 -14.75 -14.01 -4.37
CA VAL B 233 -14.88 -13.02 -5.44
C VAL B 233 -16.00 -12.09 -5.02
N VAL B 234 -15.78 -10.77 -5.13
CA VAL B 234 -16.69 -9.74 -4.65
C VAL B 234 -17.24 -8.89 -5.78
N ASP B 235 -18.49 -8.47 -5.63
CA ASP B 235 -19.18 -7.58 -6.54
C ASP B 235 -19.47 -6.29 -5.77
N SER B 236 -19.09 -5.14 -6.31
CA SER B 236 -19.28 -3.84 -5.70
C SER B 236 -20.44 -3.12 -6.39
N LEU B 237 -21.48 -2.77 -5.64
CA LEU B 237 -22.69 -2.14 -6.22
C LEU B 237 -22.94 -0.77 -5.63
N THR B 238 -23.31 0.21 -6.48
CA THR B 238 -23.57 1.56 -5.99
C THR B 238 -24.82 2.16 -6.66
N THR B 239 -25.63 2.90 -5.91
CA THR B 239 -26.77 3.64 -6.42
C THR B 239 -26.78 5.04 -5.80
N THR B 240 -27.03 6.07 -6.61
CA THR B 240 -27.09 7.45 -6.13
C THR B 240 -28.36 7.62 -5.31
N THR B 241 -28.24 8.24 -4.15
CA THR B 241 -29.39 8.53 -3.29
C THR B 241 -29.72 10.04 -3.23
N SER B 242 -28.83 10.91 -3.73
CA SER B 242 -29.07 12.35 -3.73
C SER B 242 -29.99 12.82 -4.87
N ASP B 260 -23.74 18.38 -3.68
CA ASP B 260 -23.32 17.18 -2.96
C ASP B 260 -23.91 15.94 -3.62
N SER B 261 -23.12 14.86 -3.73
CA SER B 261 -23.60 13.61 -4.31
C SER B 261 -23.50 12.53 -3.22
N GLN B 262 -24.57 11.77 -2.99
CA GLN B 262 -24.59 10.72 -1.98
C GLN B 262 -24.84 9.38 -2.67
N PHE B 263 -24.17 8.34 -2.19
CA PHE B 263 -24.35 7.00 -2.75
C PHE B 263 -24.59 5.98 -1.68
N LEU B 264 -25.34 4.94 -2.02
CA LEU B 264 -25.60 3.80 -1.18
C LEU B 264 -24.73 2.68 -1.80
N HIS B 265 -24.06 1.90 -0.97
CA HIS B 265 -23.16 0.86 -1.44
C HIS B 265 -23.48 -0.49 -0.84
N LEU B 266 -23.16 -1.55 -1.59
CA LEU B 266 -23.27 -2.92 -1.13
C LEU B 266 -22.15 -3.75 -1.75
N LEU B 267 -21.45 -4.53 -0.93
CA LEU B 267 -20.46 -5.51 -1.40
C LEU B 267 -21.06 -6.87 -1.11
N ARG B 268 -21.07 -7.74 -2.10
CA ARG B 268 -21.58 -9.09 -1.92
C ARG B 268 -20.69 -10.10 -2.64
N LEU B 269 -20.75 -11.39 -2.24
CA LEU B 269 -19.95 -12.41 -2.89
C LEU B 269 -20.54 -12.70 -4.28
N SER B 270 -19.69 -12.82 -5.30
CA SER B 270 -20.08 -13.04 -6.70
C SER B 270 -20.93 -14.28 -6.88
N GLY B 271 -20.60 -15.33 -6.13
CA GLY B 271 -21.33 -16.58 -6.21
C GLY B 271 -22.75 -16.44 -5.72
N ASP B 272 -23.00 -16.87 -4.48
CA ASP B 272 -24.31 -16.88 -3.81
C ASP B 272 -24.95 -15.49 -3.51
N GLY B 273 -24.22 -14.40 -3.68
CA GLY B 273 -24.76 -13.08 -3.38
C GLY B 273 -24.81 -12.73 -1.91
N GLN B 274 -24.04 -13.42 -1.06
CA GLN B 274 -24.00 -13.11 0.37
C GLN B 274 -23.42 -11.72 0.67
N GLU B 275 -24.14 -10.91 1.44
CA GLU B 275 -23.68 -9.57 1.79
C GLU B 275 -22.45 -9.61 2.68
N ILE B 276 -21.40 -8.85 2.33
CA ILE B 276 -20.23 -8.76 3.18
C ILE B 276 -20.10 -7.37 3.80
N ASN B 277 -20.53 -6.30 3.09
CA ASN B 277 -20.49 -4.90 3.56
C ASN B 277 -21.64 -4.09 2.99
N ARG B 278 -22.05 -3.06 3.72
CA ARG B 278 -22.99 -2.04 3.23
C ARG B 278 -22.47 -0.69 3.71
N GLY B 279 -22.71 0.37 2.92
CA GLY B 279 -22.20 1.67 3.30
C GLY B 279 -22.78 2.82 2.54
N THR B 280 -22.37 4.02 2.90
CA THR B 280 -22.78 5.26 2.26
C THR B 280 -21.55 6.14 2.10
N THR B 281 -21.54 6.98 1.06
CA THR B 281 -20.49 7.98 0.84
C THR B 281 -21.12 9.31 0.45
N LEU B 282 -20.51 10.42 0.89
CA LEU B 282 -20.95 11.76 0.54
C LEU B 282 -19.77 12.44 -0.17
N TRP B 283 -20.02 13.05 -1.33
CA TRP B 283 -18.99 13.68 -2.15
C TRP B 283 -19.34 15.15 -2.35
N ARG B 284 -18.33 16.01 -2.31
CA ARG B 284 -18.48 17.45 -2.49
C ARG B 284 -17.84 17.89 -3.82
N LYS B 285 -18.50 18.73 -4.60
CA LYS B 285 -17.92 19.22 -5.86
C LYS B 285 -16.61 20.01 -5.58
N LYS B 286 -15.64 19.95 -6.51
CA LYS B 286 -14.37 20.67 -6.34
C LYS B 286 -14.52 22.16 -6.66
OAC 3M0 C . 15.31 11.68 -13.13
CAH 3M0 C . 16.49 12.01 -13.31
OAD 3M0 C . 16.95 12.46 -14.38
CAK 3M0 C . 17.43 11.96 -12.12
CAG 3M0 C . 16.88 12.11 -10.84
CAE 3M0 C . 17.66 12.17 -9.72
CAF 3M0 C . 19.02 11.98 -9.84
CAI 3M0 C . 19.62 11.77 -11.07
CAA 3M0 C . 21.11 11.60 -11.17
CAJ 3M0 C . 18.82 11.76 -12.22
NAB 3M0 C . 19.42 11.56 -13.42
S SO4 D . 16.41 7.83 -12.91
O1 SO4 D . 17.02 6.50 -12.81
O2 SO4 D . 17.44 8.79 -13.33
O3 SO4 D . 15.34 7.76 -13.91
O4 SO4 D . 15.83 8.23 -11.61
OAC 3M0 E . -4.70 -3.14 21.28
CAH 3M0 E . -5.67 -2.91 22.02
OAD 3M0 E . -6.64 -3.66 22.12
CAK 3M0 E . -5.66 -1.62 22.79
CAG 3M0 E . -4.67 -0.70 22.52
CAE 3M0 E . -4.57 0.48 23.21
CAF 3M0 E . -5.50 0.78 24.19
CAI 3M0 E . -6.50 -0.12 24.52
CAA 3M0 E . -7.49 0.19 25.60
CAJ 3M0 E . -6.60 -1.33 23.82
NAB 3M0 E . -7.59 -2.20 24.17
OAC 3M0 F . -7.66 0.77 11.99
CAH 3M0 F . -7.25 -0.40 11.95
OAD 3M0 F . -7.18 -1.07 10.92
CAK 3M0 F . -6.71 -1.00 13.21
CAG 3M0 F . -6.50 -0.16 14.31
CAE 3M0 F . -6.00 -0.63 15.49
CAF 3M0 F . -5.68 -1.97 15.62
CAI 3M0 F . -5.91 -2.87 14.58
CAA 3M0 F . -5.59 -4.33 14.72
CAJ 3M0 F . -6.36 -2.37 13.35
NAB 3M0 F . -6.58 -3.28 12.35
S SO4 G . -8.07 -2.08 18.98
O1 SO4 G . -7.16 -3.20 18.87
O2 SO4 G . -7.26 -0.86 18.99
O3 SO4 G . -8.94 -2.25 17.78
O4 SO4 G . -9.04 -2.04 20.09
#